data_8RE8
#
_entry.id   8RE8
#
_cell.length_a   50.604
_cell.length_b   85.998
_cell.length_c   123.963
_cell.angle_alpha   90.00
_cell.angle_beta   90.00
_cell.angle_gamma   90.00
#
_symmetry.space_group_name_H-M   'P 21 21 21'
#
loop_
_entity.id
_entity.type
_entity.pdbx_description
1 polymer 'Aspartyl/asparaginyl beta-hydroxylase'
2 polymer 'Coagulation factor X'
3 non-polymer '(3~{R})-3-methyl-2-oxidanylidene-pentanedioic acid'
4 non-polymer DI(HYDROXYETHYL)ETHER
5 non-polymer 'MANGANESE (II) ION'
6 non-polymer 'CHLORIDE ION'
7 water water
#
loop_
_entity_poly.entity_id
_entity_poly.type
_entity_poly.pdbx_seq_one_letter_code
_entity_poly.pdbx_strand_id
1 'polypeptide(L)'
;RKTDDPEQKAKVKKKKPKLLNKFDKTIKAELDAAEKLRKRGKIEEAVNAFKELVRKYPQSPRARYGKAQCEDDLAEKRRS
NEVLRGAIETYQEVASLPDVPADLLKLSLKRRSDRQQFLGHMRGSLLTLQRLVQLFPNDTSLKNDLGVGYLLIGDNDNAK
KVYEEVLSVTPNDGFAKVHYGFILKAQNKIAESIPYLKEGIESGDPGTDDGRFYFHLGDAMQRVGNKEAYKWYELGHKRG
HFASVWQRSLYNVNGLKAQPWWTPKETGYTELVKSLERNWKLIRDEGLAVMDKAKGLFLPEDENLREKGDWSQFTLWQQG
RRNENACKGAPKTCTLLEKFPETTGCRRGQIKYSIMHPGTHVWPHTGPTNCRLQMHLGLVIPKEGCKIRCANETKTWEEG
KVLIFDDSFEHEVWQDASSFRLIFIVDVWHPELTPQQRRSLPAI
;
A
2 'polypeptide(L)' DGDQSETSPSQNQGKCKDGLGEYTCTSLEGFEGKNSELF B
#
loop_
_chem_comp.id
_chem_comp.type
_chem_comp.name
_chem_comp.formula
CL non-polymer 'CHLORIDE ION' 'Cl -1'
MN non-polymer 'MANGANESE (II) ION' 'Mn 2'
PEG non-polymer DI(HYDROXYETHYL)ETHER 'C4 H10 O3'
Q1Z non-polymer '(3~{R})-3-methyl-2-oxidanylidene-pentanedioic acid' 'C6 H8 O5'
#
# COMPACT_ATOMS: atom_id res chain seq x y z
N LYS A 16 6.62 8.18 -33.79
CA LYS A 16 7.40 6.93 -33.77
C LYS A 16 6.54 5.66 -33.96
N PRO A 17 5.45 5.49 -33.18
CA PRO A 17 4.66 4.27 -33.33
C PRO A 17 3.86 4.27 -34.62
N LYS A 18 3.78 3.08 -35.25
CA LYS A 18 2.99 2.88 -36.45
C LYS A 18 1.60 2.44 -36.03
N LEU A 19 0.64 3.35 -36.10
CA LEU A 19 -0.71 3.07 -35.63
C LEU A 19 -1.72 2.84 -36.75
N LEU A 20 -1.34 3.08 -38.01
CA LEU A 20 -2.27 3.05 -39.13
C LEU A 20 -2.02 1.82 -40.00
N ASN A 21 -3.03 0.98 -40.15
CA ASN A 21 -2.94 -0.10 -41.13
C ASN A 21 -3.25 0.45 -42.53
N LYS A 22 -3.30 -0.45 -43.51
CA LYS A 22 -3.41 -0.02 -44.91
C LYS A 22 -4.66 0.84 -45.12
N PHE A 23 -5.80 0.39 -44.61
CA PHE A 23 -7.03 1.14 -44.81
C PHE A 23 -7.00 2.46 -44.03
N ASP A 24 -6.51 2.44 -42.79
CA ASP A 24 -6.48 3.66 -41.99
C ASP A 24 -5.64 4.75 -42.63
N LYS A 25 -4.61 4.38 -43.40
CA LYS A 25 -3.82 5.38 -44.10
C LYS A 25 -4.68 6.14 -45.11
N THR A 26 -5.66 5.47 -45.71
CA THR A 26 -6.50 6.12 -46.71
C THR A 26 -7.50 7.08 -46.09
N ILE A 27 -7.79 6.96 -44.80
CA ILE A 27 -8.76 7.83 -44.14
C ILE A 27 -8.05 8.69 -43.09
N LYS A 28 -6.75 8.93 -43.29
CA LYS A 28 -5.98 9.66 -42.29
C LYS A 28 -6.51 11.08 -42.09
N ALA A 29 -7.04 11.70 -43.16
CA ALA A 29 -7.56 13.05 -43.04
C ALA A 29 -8.73 13.12 -42.07
N GLU A 30 -9.63 12.12 -42.13
CA GLU A 30 -10.76 12.10 -41.19
C GLU A 30 -10.31 11.75 -39.79
N LEU A 31 -9.35 10.83 -39.66
CA LEU A 31 -8.85 10.46 -38.35
C LEU A 31 -8.13 11.63 -37.69
N ASP A 32 -7.34 12.39 -38.46
CA ASP A 32 -6.64 13.56 -37.91
C ASP A 32 -7.61 14.63 -37.44
N ALA A 33 -8.68 14.87 -38.21
CA ALA A 33 -9.65 15.88 -37.83
C ALA A 33 -10.29 15.55 -36.49
N ALA A 34 -10.62 14.26 -36.28
CA ALA A 34 -11.20 13.86 -35.00
C ALA A 34 -10.18 14.01 -33.88
N GLU A 35 -8.95 13.54 -34.10
CA GLU A 35 -7.93 13.63 -33.06
C GLU A 35 -7.59 15.08 -32.72
N LYS A 36 -7.61 15.96 -33.73
CA LYS A 36 -7.38 17.38 -33.46
C LYS A 36 -8.39 17.91 -32.44
N LEU A 37 -9.64 17.46 -32.54
CA LEU A 37 -10.65 17.89 -31.58
C LEU A 37 -10.32 17.44 -30.17
N ARG A 38 -9.78 16.23 -30.03
CA ARG A 38 -9.43 15.73 -28.71
C ARG A 38 -8.26 16.50 -28.12
N LYS A 39 -7.23 16.78 -28.94
CA LYS A 39 -6.06 17.52 -28.45
C LYS A 39 -6.39 18.96 -28.10
N ARG A 40 -7.44 19.53 -28.69
CA ARG A 40 -7.87 20.89 -28.32
C ARG A 40 -8.72 20.90 -27.06
N GLY A 41 -9.01 19.75 -26.47
CA GLY A 41 -9.84 19.71 -25.28
C GLY A 41 -11.33 19.71 -25.55
N LYS A 42 -11.75 19.67 -26.81
CA LYS A 42 -13.18 19.55 -27.14
C LYS A 42 -13.55 18.08 -27.11
N ILE A 43 -13.51 17.52 -25.90
CA ILE A 43 -13.62 16.06 -25.72
C ILE A 43 -14.98 15.57 -26.21
N GLU A 44 -16.05 16.26 -25.81
CA GLU A 44 -17.40 15.82 -26.20
C GLU A 44 -17.56 15.83 -27.71
N GLU A 45 -17.03 16.86 -28.38
CA GLU A 45 -17.04 16.87 -29.84
C GLU A 45 -16.15 15.76 -30.39
N ALA A 46 -15.03 15.50 -29.73
CA ALA A 46 -14.10 14.47 -30.20
C ALA A 46 -14.72 13.08 -30.09
N VAL A 47 -15.43 12.80 -29.00
CA VAL A 47 -16.08 11.49 -28.85
C VAL A 47 -17.09 11.30 -29.98
N ASN A 48 -17.91 12.30 -30.24
CA ASN A 48 -18.92 12.18 -31.28
C ASN A 48 -18.28 11.99 -32.65
N ALA A 49 -17.16 12.67 -32.90
CA ALA A 49 -16.50 12.55 -34.20
C ALA A 49 -15.90 11.16 -34.39
N PHE A 50 -15.27 10.61 -33.35
CA PHE A 50 -14.73 9.26 -33.46
C PHE A 50 -15.84 8.22 -33.48
N LYS A 51 -16.92 8.46 -32.73
CA LYS A 51 -18.07 7.56 -32.81
C LYS A 51 -18.63 7.53 -34.23
N GLU A 52 -18.65 8.69 -34.90
CA GLU A 52 -19.08 8.72 -36.28
C GLU A 52 -18.12 7.96 -37.18
N LEU A 53 -16.82 8.08 -36.93
CA LEU A 53 -15.84 7.32 -37.72
C LEU A 53 -15.96 5.83 -37.45
N VAL A 54 -16.17 5.44 -36.19
CA VAL A 54 -16.43 4.04 -35.90
C VAL A 54 -17.69 3.56 -36.61
N ARG A 55 -18.73 4.39 -36.62
CA ARG A 55 -19.95 4.03 -37.33
C ARG A 55 -19.69 3.88 -38.82
N LYS A 56 -18.92 4.78 -39.41
CA LYS A 56 -18.69 4.75 -40.85
C LYS A 56 -17.64 3.71 -41.23
N TYR A 57 -16.62 3.53 -40.39
CA TYR A 57 -15.52 2.58 -40.65
C TYR A 57 -15.41 1.62 -39.46
N PRO A 58 -16.36 0.70 -39.31
CA PRO A 58 -16.40 -0.14 -38.10
C PRO A 58 -15.20 -1.06 -37.93
N GLN A 59 -14.39 -1.25 -38.96
CA GLN A 59 -13.21 -2.10 -38.87
C GLN A 59 -11.92 -1.32 -38.62
N SER A 60 -12.00 0.01 -38.59
CA SER A 60 -10.80 0.83 -38.43
C SER A 60 -10.23 0.75 -37.03
N PRO A 61 -9.00 0.25 -36.84
CA PRO A 61 -8.43 0.22 -35.49
C PRO A 61 -8.12 1.61 -34.96
N ARG A 62 -7.64 2.51 -35.81
CA ARG A 62 -7.31 3.86 -35.33
C ARG A 62 -8.57 4.61 -34.90
N ALA A 63 -9.67 4.43 -35.64
CA ALA A 63 -10.93 5.07 -35.22
C ALA A 63 -11.40 4.52 -33.89
N ARG A 64 -11.29 3.19 -33.71
CA ARG A 64 -11.70 2.57 -32.46
C ARG A 64 -10.84 3.05 -31.30
N TYR A 65 -9.52 3.15 -31.52
CA TYR A 65 -8.61 3.64 -30.49
C TYR A 65 -8.89 5.10 -30.16
N GLY A 66 -9.19 5.91 -31.18
CA GLY A 66 -9.55 7.30 -30.92
C GLY A 66 -10.80 7.40 -30.06
N LYS A 67 -11.81 6.57 -30.34
CA LYS A 67 -13.00 6.55 -29.50
C LYS A 67 -12.64 6.19 -28.06
N ALA A 68 -11.80 5.17 -27.89
CA ALA A 68 -11.40 4.76 -26.55
C ALA A 68 -10.63 5.85 -25.82
N GLN A 69 -9.70 6.52 -26.53
CA GLN A 69 -8.94 7.60 -25.93
C GLN A 69 -9.85 8.75 -25.51
N CYS A 70 -10.83 9.08 -26.34
CA CYS A 70 -11.75 10.15 -25.99
C CYS A 70 -12.63 9.76 -24.79
N GLU A 71 -13.11 8.52 -24.76
CA GLU A 71 -13.86 8.05 -23.59
C GLU A 71 -12.98 8.09 -22.34
N ASP A 72 -11.70 7.72 -22.50
CA ASP A 72 -10.72 7.84 -21.42
C ASP A 72 -10.62 9.27 -20.91
N ASP A 73 -10.43 10.21 -21.84
CA ASP A 73 -10.35 11.63 -21.46
C ASP A 73 -11.65 12.09 -20.83
N LEU A 74 -12.79 11.63 -21.35
CA LEU A 74 -14.07 12.05 -20.81
C LEU A 74 -14.27 11.54 -19.39
N ALA A 75 -13.80 10.32 -19.10
CA ALA A 75 -13.88 9.79 -17.75
C ALA A 75 -13.05 10.62 -16.78
N GLU A 76 -11.90 11.11 -17.22
CA GLU A 76 -11.10 12.03 -16.40
C GLU A 76 -11.85 13.33 -16.16
N LYS A 77 -12.45 13.89 -17.21
CA LYS A 77 -13.16 15.16 -17.09
C LYS A 77 -14.31 15.05 -16.11
N ARG A 78 -15.13 14.01 -16.24
CA ARG A 78 -16.30 13.84 -15.40
C ARG A 78 -16.03 13.03 -14.15
N ARG A 79 -14.81 12.50 -14.00
CA ARG A 79 -14.45 11.68 -12.83
C ARG A 79 -15.43 10.51 -12.67
N SER A 80 -15.69 9.82 -13.78
CA SER A 80 -16.74 8.82 -13.87
C SER A 80 -16.13 7.43 -14.06
N ASN A 81 -16.36 6.55 -13.08
CA ASN A 81 -15.96 5.15 -13.26
C ASN A 81 -16.71 4.50 -14.41
N GLU A 82 -17.98 4.86 -14.59
CA GLU A 82 -18.77 4.23 -15.64
C GLU A 82 -18.27 4.63 -17.03
N VAL A 83 -17.90 5.89 -17.23
CA VAL A 83 -17.36 6.29 -18.52
C VAL A 83 -16.04 5.58 -18.77
N LEU A 84 -15.24 5.37 -17.72
CA LEU A 84 -13.98 4.66 -17.89
C LEU A 84 -14.20 3.20 -18.22
N ARG A 85 -15.22 2.58 -17.62
CA ARG A 85 -15.55 1.20 -17.97
C ARG A 85 -15.88 1.06 -19.46
N GLY A 86 -16.58 2.05 -20.02
CA GLY A 86 -16.82 2.04 -21.46
C GLY A 86 -15.53 2.12 -22.26
N ALA A 87 -14.63 3.00 -21.85
CA ALA A 87 -13.32 3.10 -22.51
C ALA A 87 -12.57 1.78 -22.44
N ILE A 88 -12.62 1.12 -21.28
CA ILE A 88 -11.92 -0.15 -21.09
C ILE A 88 -12.40 -1.18 -22.11
N GLU A 89 -13.71 -1.19 -22.38
CA GLU A 89 -14.24 -2.13 -23.37
C GLU A 89 -13.82 -1.74 -24.78
N THR A 90 -13.82 -0.44 -25.09
CA THR A 90 -13.44 0.00 -26.43
C THR A 90 -11.96 -0.30 -26.72
N TYR A 91 -11.09 -0.15 -25.71
CA TYR A 91 -9.69 -0.55 -25.88
C TYR A 91 -9.58 -2.02 -26.25
N GLN A 92 -10.41 -2.88 -25.65
CA GLN A 92 -10.42 -4.29 -26.02
C GLN A 92 -10.95 -4.47 -27.44
N GLU A 93 -11.98 -3.71 -27.81
CA GLU A 93 -12.53 -3.80 -29.16
C GLU A 93 -11.46 -3.54 -30.21
N VAL A 94 -10.58 -2.57 -29.95
CA VAL A 94 -9.45 -2.31 -30.85
C VAL A 94 -8.72 -3.61 -31.16
N ALA A 95 -8.41 -4.38 -30.12
CA ALA A 95 -7.64 -5.61 -30.26
C ALA A 95 -8.38 -6.70 -31.01
N SER A 96 -9.71 -6.61 -31.10
CA SER A 96 -10.51 -7.64 -31.76
C SER A 96 -10.70 -7.36 -33.25
N LEU A 97 -10.24 -6.21 -33.74
CA LEU A 97 -10.45 -5.85 -35.13
C LEU A 97 -9.41 -6.50 -36.03
N PRO A 98 -9.71 -6.66 -37.31
CA PRO A 98 -8.71 -7.24 -38.22
C PRO A 98 -7.58 -6.25 -38.51
N ASP A 99 -6.39 -6.81 -38.70
CA ASP A 99 -5.26 -6.07 -39.27
C ASP A 99 -4.82 -4.92 -38.36
N VAL A 100 -4.79 -5.15 -37.05
CA VAL A 100 -4.37 -4.11 -36.11
C VAL A 100 -2.84 -4.05 -36.10
N PRO A 101 -2.25 -2.87 -36.29
CA PRO A 101 -0.79 -2.76 -36.19
C PRO A 101 -0.31 -3.13 -34.79
N ALA A 102 0.89 -3.71 -34.73
CA ALA A 102 1.41 -4.23 -33.46
C ALA A 102 1.60 -3.12 -32.43
N ASP A 103 2.03 -1.93 -32.88
CA ASP A 103 2.19 -0.83 -31.93
C ASP A 103 0.85 -0.42 -31.33
N LEU A 104 -0.19 -0.36 -32.17
CA LEU A 104 -1.51 0.03 -31.69
C LEU A 104 -2.11 -1.04 -30.78
N LEU A 105 -1.95 -2.31 -31.17
CA LEU A 105 -2.44 -3.41 -30.34
C LEU A 105 -1.82 -3.36 -28.94
N LYS A 106 -0.51 -3.13 -28.86
CA LYS A 106 0.15 -3.07 -27.57
C LYS A 106 -0.30 -1.84 -26.78
N LEU A 107 -0.36 -0.67 -27.42
CA LEU A 107 -0.78 0.55 -26.75
C LEU A 107 -2.20 0.41 -26.20
N SER A 108 -3.10 -0.21 -26.95
N SER A 108 -3.10 -0.20 -26.97
CA SER A 108 -4.50 -0.28 -26.53
CA SER A 108 -4.50 -0.28 -26.56
C SER A 108 -4.67 -1.22 -25.35
C SER A 108 -4.65 -1.21 -25.35
N LEU A 109 -4.07 -2.41 -25.42
CA LEU A 109 -4.22 -3.36 -24.32
C LEU A 109 -3.46 -2.92 -23.08
N LYS A 110 -2.33 -2.22 -23.25
CA LYS A 110 -1.60 -1.70 -22.09
C LYS A 110 -2.44 -0.67 -21.34
N ARG A 111 -3.05 0.26 -22.08
CA ARG A 111 -3.90 1.24 -21.43
C ARG A 111 -5.12 0.58 -20.81
N ARG A 112 -5.68 -0.44 -21.48
CA ARG A 112 -6.80 -1.18 -20.91
C ARG A 112 -6.43 -1.74 -19.54
N SER A 113 -5.27 -2.39 -19.44
CA SER A 113 -4.86 -2.97 -18.17
C SER A 113 -4.59 -1.88 -17.13
N ASP A 114 -3.95 -0.78 -17.55
CA ASP A 114 -3.70 0.32 -16.63
C ASP A 114 -5.00 0.87 -16.05
N ARG A 115 -6.00 1.08 -16.89
CA ARG A 115 -7.25 1.63 -16.40
C ARG A 115 -8.04 0.61 -15.58
N GLN A 116 -7.93 -0.67 -15.92
CA GLN A 116 -8.53 -1.71 -15.08
C GLN A 116 -7.95 -1.68 -13.68
N GLN A 117 -6.63 -1.53 -13.55
CA GLN A 117 -6.01 -1.42 -12.24
C GLN A 117 -6.49 -0.18 -11.50
N PHE A 118 -6.63 0.94 -12.22
CA PHE A 118 -7.14 2.17 -11.60
C PHE A 118 -8.51 1.94 -10.98
N LEU A 119 -9.36 1.16 -11.65
CA LEU A 119 -10.69 0.85 -11.15
C LEU A 119 -10.70 -0.25 -10.10
N GLY A 120 -9.56 -0.88 -9.84
CA GLY A 120 -9.52 -2.00 -8.92
C GLY A 120 -9.88 -3.33 -9.53
N HIS A 121 -10.02 -3.40 -10.85
CA HIS A 121 -10.28 -4.66 -11.56
C HIS A 121 -8.97 -5.41 -11.75
N MET A 122 -8.47 -5.94 -10.64
CA MET A 122 -7.13 -6.54 -10.68
C MET A 122 -7.14 -7.87 -11.43
N ARG A 123 -8.20 -8.68 -11.26
CA ARG A 123 -8.31 -9.89 -12.04
C ARG A 123 -8.46 -9.58 -13.54
N GLY A 124 -9.23 -8.54 -13.86
CA GLY A 124 -9.37 -8.16 -15.26
C GLY A 124 -8.06 -7.67 -15.85
N SER A 125 -7.32 -6.86 -15.10
CA SER A 125 -6.00 -6.42 -15.58
C SER A 125 -5.06 -7.60 -15.79
N LEU A 126 -5.14 -8.60 -14.92
N LEU A 126 -5.13 -8.60 -14.92
CA LEU A 126 -4.25 -9.76 -15.03
CA LEU A 126 -4.22 -9.74 -15.06
C LEU A 126 -4.51 -10.52 -16.32
C LEU A 126 -4.51 -10.51 -16.34
N LEU A 127 -5.79 -10.73 -16.67
CA LEU A 127 -6.11 -11.38 -17.93
C LEU A 127 -5.62 -10.57 -19.12
N THR A 128 -5.72 -9.24 -19.04
CA THR A 128 -5.22 -8.40 -20.13
C THR A 128 -3.70 -8.51 -20.25
N LEU A 129 -3.00 -8.51 -19.11
CA LEU A 129 -1.54 -8.61 -19.14
C LEU A 129 -1.10 -9.99 -19.64
N GLN A 130 -1.79 -11.05 -19.23
CA GLN A 130 -1.48 -12.38 -19.74
C GLN A 130 -1.67 -12.44 -21.26
N ARG A 131 -2.73 -11.81 -21.77
CA ARG A 131 -2.94 -11.75 -23.21
C ARG A 131 -1.78 -11.02 -23.89
N LEU A 132 -1.37 -9.87 -23.33
CA LEU A 132 -0.25 -9.12 -23.88
C LEU A 132 1.02 -9.96 -23.96
N VAL A 133 1.34 -10.68 -22.89
CA VAL A 133 2.55 -11.50 -22.88
C VAL A 133 2.45 -12.61 -23.91
N GLN A 134 1.26 -13.18 -24.09
CA GLN A 134 1.06 -14.21 -25.09
C GLN A 134 1.16 -13.65 -26.51
N LEU A 135 0.75 -12.39 -26.70
CA LEU A 135 0.82 -11.77 -28.01
C LEU A 135 2.22 -11.29 -28.36
N PHE A 136 2.99 -10.85 -27.36
CA PHE A 136 4.33 -10.32 -27.57
C PHE A 136 5.28 -11.09 -26.66
N PRO A 137 5.69 -12.30 -27.08
CA PRO A 137 6.47 -13.17 -26.18
C PRO A 137 7.89 -12.70 -25.95
N ASN A 138 8.43 -11.80 -26.77
CA ASN A 138 9.79 -11.32 -26.59
C ASN A 138 9.87 -9.98 -25.88
N ASP A 139 8.74 -9.42 -25.47
CA ASP A 139 8.71 -8.12 -24.79
C ASP A 139 8.81 -8.41 -23.29
N THR A 140 10.01 -8.21 -22.73
CA THR A 140 10.22 -8.47 -21.31
C THR A 140 9.61 -7.38 -20.44
N SER A 141 9.44 -6.15 -20.97
CA SER A 141 8.75 -5.12 -20.19
C SER A 141 7.31 -5.50 -19.93
N LEU A 142 6.68 -6.22 -20.87
CA LEU A 142 5.32 -6.71 -20.64
C LEU A 142 5.29 -7.79 -19.57
N LYS A 143 6.28 -8.67 -19.55
CA LYS A 143 6.36 -9.64 -18.45
C LYS A 143 6.56 -8.94 -17.13
N ASN A 144 7.39 -7.89 -17.09
CA ASN A 144 7.53 -7.11 -15.87
C ASN A 144 6.18 -6.52 -15.44
N ASP A 145 5.39 -6.01 -16.39
CA ASP A 145 4.06 -5.49 -16.06
C ASP A 145 3.16 -6.61 -15.54
N LEU A 146 3.27 -7.81 -16.12
CA LEU A 146 2.46 -8.93 -15.65
C LEU A 146 2.82 -9.27 -14.21
N GLY A 147 4.11 -9.24 -13.87
CA GLY A 147 4.51 -9.50 -12.49
C GLY A 147 3.90 -8.50 -11.51
N VAL A 148 3.78 -7.24 -11.92
CA VAL A 148 3.12 -6.23 -11.10
C VAL A 148 1.64 -6.57 -10.92
N GLY A 149 1.01 -7.08 -11.98
CA GLY A 149 -0.38 -7.51 -11.86
C GLY A 149 -0.55 -8.59 -10.80
N TYR A 150 0.35 -9.58 -10.78
CA TYR A 150 0.29 -10.62 -9.76
C TYR A 150 0.55 -10.05 -8.37
N LEU A 151 1.50 -9.11 -8.27
CA LEU A 151 1.78 -8.50 -6.98
C LEU A 151 0.60 -7.70 -6.44
N LEU A 152 -0.19 -7.09 -7.34
CA LEU A 152 -1.31 -6.27 -6.90
C LEU A 152 -2.46 -7.11 -6.35
N ILE A 153 -2.60 -8.36 -6.81
CA ILE A 153 -3.61 -9.25 -6.23
C ILE A 153 -3.06 -10.07 -5.06
N GLY A 154 -1.79 -9.90 -4.71
CA GLY A 154 -1.20 -10.66 -3.63
C GLY A 154 -0.66 -12.02 -4.03
N ASP A 155 -0.47 -12.27 -5.32
CA ASP A 155 0.00 -13.57 -5.81
C ASP A 155 1.51 -13.50 -5.98
N ASN A 156 2.22 -13.59 -4.86
CA ASN A 156 3.68 -13.47 -4.89
C ASN A 156 4.32 -14.68 -5.55
N ASP A 157 3.69 -15.86 -5.47
CA ASP A 157 4.26 -17.06 -6.09
C ASP A 157 4.31 -16.93 -7.60
N ASN A 158 3.21 -16.48 -8.21
CA ASN A 158 3.21 -16.31 -9.66
C ASN A 158 4.06 -15.13 -10.08
N ALA A 159 4.05 -14.04 -9.29
CA ALA A 159 4.93 -12.92 -9.57
C ALA A 159 6.39 -13.35 -9.57
N LYS A 160 6.77 -14.19 -8.60
CA LYS A 160 8.15 -14.66 -8.52
C LYS A 160 8.54 -15.45 -9.76
N LYS A 161 7.64 -16.30 -10.26
CA LYS A 161 7.94 -17.08 -11.46
C LYS A 161 8.13 -16.17 -12.67
N VAL A 162 7.34 -15.09 -12.75
CA VAL A 162 7.45 -14.18 -13.88
C VAL A 162 8.81 -13.48 -13.87
N TYR A 163 9.22 -12.96 -12.70
CA TYR A 163 10.49 -12.24 -12.66
C TYR A 163 11.68 -13.18 -12.80
N GLU A 164 11.53 -14.44 -12.37
CA GLU A 164 12.57 -15.43 -12.64
C GLU A 164 12.71 -15.66 -14.14
N GLU A 165 11.59 -15.68 -14.86
CA GLU A 165 11.65 -15.84 -16.31
C GLU A 165 12.33 -14.65 -16.97
N VAL A 166 12.02 -13.43 -16.51
CA VAL A 166 12.66 -12.23 -17.03
C VAL A 166 14.15 -12.26 -16.75
N LEU A 167 14.54 -12.57 -15.51
CA LEU A 167 15.95 -12.55 -15.14
C LEU A 167 16.71 -13.66 -15.86
N SER A 168 16.04 -14.74 -16.25
CA SER A 168 16.70 -15.79 -17.01
C SER A 168 17.05 -15.32 -18.42
N VAL A 169 16.29 -14.37 -18.97
CA VAL A 169 16.57 -13.83 -20.30
C VAL A 169 17.47 -12.60 -20.22
N THR A 170 17.13 -11.65 -19.34
CA THR A 170 17.90 -10.41 -19.15
C THR A 170 18.28 -10.32 -17.68
N PRO A 171 19.42 -10.89 -17.29
CA PRO A 171 19.76 -10.96 -15.85
C PRO A 171 19.94 -9.60 -15.20
N ASN A 172 20.24 -8.55 -15.96
CA ASN A 172 20.54 -7.25 -15.38
C ASN A 172 19.37 -6.28 -15.50
N ASP A 173 18.18 -6.77 -15.78
N ASP A 173 18.17 -6.77 -15.76
CA ASP A 173 16.96 -5.96 -15.76
CA ASP A 173 16.98 -5.91 -15.78
C ASP A 173 16.75 -5.42 -14.35
C ASP A 173 16.70 -5.41 -14.38
N GLY A 174 16.91 -4.11 -14.17
CA GLY A 174 16.81 -3.56 -12.82
C GLY A 174 15.41 -3.60 -12.25
N PHE A 175 14.40 -3.37 -13.09
CA PHE A 175 13.02 -3.48 -12.65
C PHE A 175 12.73 -4.89 -12.14
N ALA A 176 13.18 -5.90 -12.89
CA ALA A 176 12.97 -7.27 -12.45
C ALA A 176 13.73 -7.56 -11.16
N LYS A 177 14.93 -6.98 -11.02
CA LYS A 177 15.73 -7.25 -9.82
C LYS A 177 15.05 -6.73 -8.55
N VAL A 178 14.60 -5.47 -8.55
CA VAL A 178 14.00 -4.93 -7.33
C VAL A 178 12.72 -5.65 -6.99
N HIS A 179 11.94 -6.04 -8.01
CA HIS A 179 10.68 -6.72 -7.71
C HIS A 179 10.92 -8.15 -7.25
N TYR A 180 11.92 -8.81 -7.84
CA TYR A 180 12.34 -10.12 -7.33
C TYR A 180 12.86 -10.00 -5.90
N GLY A 181 13.70 -9.00 -5.64
CA GLY A 181 14.20 -8.80 -4.28
C GLY A 181 13.10 -8.48 -3.29
N PHE A 182 12.11 -7.71 -3.74
CA PHE A 182 10.95 -7.43 -2.89
C PHE A 182 10.22 -8.71 -2.50
N ILE A 183 10.05 -9.63 -3.46
CA ILE A 183 9.33 -10.87 -3.19
C ILE A 183 10.15 -11.76 -2.25
N LEU A 184 11.45 -11.90 -2.53
CA LEU A 184 12.31 -12.67 -1.62
C LEU A 184 12.24 -12.11 -0.21
N LYS A 185 12.28 -10.79 -0.07
CA LYS A 185 12.24 -10.17 1.25
C LYS A 185 10.91 -10.42 1.94
N ALA A 186 9.80 -10.35 1.20
CA ALA A 186 8.50 -10.66 1.76
C ALA A 186 8.38 -12.13 2.14
N GLN A 187 9.20 -13.01 1.55
CA GLN A 187 9.23 -14.42 1.89
C GLN A 187 10.20 -14.72 3.03
N ASN A 188 10.73 -13.69 3.69
CA ASN A 188 11.73 -13.81 4.76
C ASN A 188 13.04 -14.40 4.26
N LYS A 189 13.31 -14.32 2.96
CA LYS A 189 14.63 -14.66 2.43
C LYS A 189 15.49 -13.40 2.42
N ILE A 190 15.87 -12.96 3.62
CA ILE A 190 16.42 -11.63 3.81
C ILE A 190 17.77 -11.49 3.12
N ALA A 191 18.70 -12.38 3.45
CA ALA A 191 20.03 -12.29 2.86
C ALA A 191 19.99 -12.39 1.35
N GLU A 192 19.12 -13.26 0.82
CA GLU A 192 18.99 -13.43 -0.62
C GLU A 192 18.45 -12.19 -1.29
N SER A 193 17.59 -11.43 -0.60
CA SER A 193 16.91 -10.29 -1.23
C SER A 193 17.86 -9.10 -1.40
N ILE A 194 18.88 -8.99 -0.54
CA ILE A 194 19.68 -7.76 -0.52
C ILE A 194 20.38 -7.49 -1.85
N PRO A 195 21.11 -8.42 -2.45
CA PRO A 195 21.77 -8.11 -3.73
C PRO A 195 20.80 -7.70 -4.82
N TYR A 196 19.60 -8.27 -4.86
CA TYR A 196 18.65 -7.91 -5.90
C TYR A 196 18.11 -6.50 -5.68
N LEU A 197 17.69 -6.18 -4.45
CA LEU A 197 17.25 -4.83 -4.14
C LEU A 197 18.36 -3.82 -4.40
N LYS A 198 19.57 -4.13 -3.94
CA LYS A 198 20.69 -3.20 -4.08
C LYS A 198 21.06 -2.99 -5.55
N GLU A 199 21.32 -4.09 -6.27
CA GLU A 199 21.70 -3.96 -7.68
C GLU A 199 20.59 -3.32 -8.50
N GLY A 200 19.33 -3.63 -8.17
CA GLY A 200 18.22 -3.08 -8.93
C GLY A 200 18.09 -1.57 -8.76
N ILE A 201 18.16 -1.09 -7.52
CA ILE A 201 18.16 0.35 -7.28
C ILE A 201 19.36 1.02 -7.95
N GLU A 202 20.53 0.38 -7.87
CA GLU A 202 21.74 0.95 -8.44
C GLU A 202 21.70 0.98 -9.97
N SER A 203 20.86 0.16 -10.60
CA SER A 203 20.77 0.19 -12.06
C SER A 203 20.21 1.50 -12.57
N GLY A 204 19.37 2.16 -11.77
CA GLY A 204 18.70 3.36 -12.23
C GLY A 204 17.68 3.12 -13.32
N ASP A 205 17.30 1.86 -13.55
CA ASP A 205 16.33 1.54 -14.58
C ASP A 205 14.98 2.18 -14.23
N PRO A 206 14.19 2.55 -15.24
CA PRO A 206 12.86 3.11 -14.97
C PRO A 206 12.04 2.19 -14.09
N GLY A 207 11.47 2.76 -13.03
CA GLY A 207 10.66 2.01 -12.09
C GLY A 207 11.39 1.57 -10.84
N THR A 208 12.72 1.69 -10.79
CA THR A 208 13.47 1.27 -9.60
C THR A 208 13.61 2.37 -8.57
N ASP A 209 13.44 3.64 -8.95
CA ASP A 209 13.56 4.75 -8.00
C ASP A 209 12.28 4.88 -7.20
N ASP A 210 12.06 3.91 -6.30
CA ASP A 210 10.80 3.73 -5.61
C ASP A 210 11.06 3.56 -4.12
N GLY A 211 10.31 4.31 -3.30
CA GLY A 211 10.53 4.26 -1.86
C GLY A 211 10.37 2.87 -1.26
N ARG A 212 9.52 2.04 -1.85
CA ARG A 212 9.32 0.69 -1.31
C ARG A 212 10.61 -0.12 -1.34
N PHE A 213 11.43 0.08 -2.36
CA PHE A 213 12.65 -0.71 -2.49
C PHE A 213 13.75 -0.18 -1.59
N TYR A 214 13.83 1.14 -1.42
CA TYR A 214 14.73 1.71 -0.42
C TYR A 214 14.34 1.27 0.98
N PHE A 215 13.03 1.24 1.25
CA PHE A 215 12.53 0.85 2.57
C PHE A 215 12.96 -0.56 2.94
N HIS A 216 12.74 -1.51 2.02
CA HIS A 216 12.97 -2.91 2.34
C HIS A 216 14.42 -3.31 2.23
N LEU A 217 15.21 -2.64 1.37
CA LEU A 217 16.65 -2.89 1.36
C LEU A 217 17.28 -2.47 2.68
N GLY A 218 16.94 -1.29 3.17
CA GLY A 218 17.45 -0.86 4.46
C GLY A 218 17.01 -1.77 5.59
N ASP A 219 15.74 -2.20 5.56
CA ASP A 219 15.25 -3.09 6.61
C ASP A 219 15.95 -4.44 6.54
N ALA A 220 16.10 -5.00 5.34
CA ALA A 220 16.82 -6.26 5.19
C ALA A 220 18.25 -6.14 5.70
N MET A 221 18.93 -5.04 5.39
CA MET A 221 20.29 -4.84 5.88
C MET A 221 20.32 -4.71 7.40
N GLN A 222 19.34 -4.01 7.97
CA GLN A 222 19.26 -3.93 9.43
C GLN A 222 19.12 -5.31 10.06
N ARG A 223 18.31 -6.18 9.45
CA ARG A 223 18.05 -7.50 10.03
C ARG A 223 19.28 -8.39 10.01
N VAL A 224 20.14 -8.25 8.99
CA VAL A 224 21.37 -9.03 8.94
C VAL A 224 22.55 -8.32 9.58
N GLY A 225 22.33 -7.13 10.16
CA GLY A 225 23.42 -6.42 10.81
C GLY A 225 24.36 -5.70 9.87
N ASN A 226 23.89 -5.30 8.69
CA ASN A 226 24.70 -4.56 7.73
C ASN A 226 24.58 -3.07 8.05
N LYS A 227 25.68 -2.46 8.47
CA LYS A 227 25.67 -1.07 8.87
C LYS A 227 25.42 -0.11 7.71
N GLU A 228 25.47 -0.59 6.47
CA GLU A 228 25.17 0.28 5.34
C GLU A 228 23.69 0.63 5.24
N ALA A 229 22.85 0.08 6.11
CA ALA A 229 21.41 0.26 5.99
C ALA A 229 21.01 1.73 6.04
N TYR A 230 21.68 2.51 6.89
CA TYR A 230 21.30 3.91 7.04
C TYR A 230 21.83 4.80 5.93
N LYS A 231 22.88 4.36 5.23
CA LYS A 231 23.28 5.08 4.02
C LYS A 231 22.20 4.98 2.95
N TRP A 232 21.45 3.87 2.95
CA TRP A 232 20.35 3.73 2.00
C TRP A 232 19.11 4.48 2.45
N TYR A 233 18.87 4.58 3.76
CA TYR A 233 17.81 5.45 4.26
C TYR A 233 18.15 6.91 3.94
N GLU A 234 19.41 7.28 4.08
CA GLU A 234 19.81 8.66 3.78
C GLU A 234 19.61 9.00 2.32
N LEU A 235 19.98 8.07 1.42
CA LEU A 235 19.79 8.32 -0.01
C LEU A 235 18.32 8.36 -0.38
N GLY A 236 17.52 7.44 0.20
CA GLY A 236 16.08 7.49 -0.03
C GLY A 236 15.46 8.79 0.44
N HIS A 237 15.98 9.35 1.54
CA HIS A 237 15.54 10.67 1.98
C HIS A 237 15.96 11.75 0.99
N LYS A 238 17.20 11.68 0.50
CA LYS A 238 17.69 12.69 -0.43
C LYS A 238 16.94 12.65 -1.76
N ARG A 239 16.43 11.48 -2.15
CA ARG A 239 15.67 11.35 -3.38
C ARG A 239 14.17 11.57 -3.17
N GLY A 240 13.76 11.97 -1.97
CA GLY A 240 12.39 12.37 -1.71
C GLY A 240 11.43 11.26 -1.32
N HIS A 241 11.93 10.05 -1.04
CA HIS A 241 11.03 8.97 -0.67
C HIS A 241 10.66 9.00 0.81
N PHE A 242 11.54 9.53 1.65
CA PHE A 242 11.35 9.53 3.09
C PHE A 242 11.41 10.96 3.61
N ALA A 243 10.53 11.29 4.56
CA ALA A 243 10.59 12.60 5.18
C ALA A 243 11.91 12.80 5.93
N SER A 244 12.46 11.73 6.47
CA SER A 244 13.77 11.75 7.12
C SER A 244 14.30 10.33 7.13
N VAL A 245 15.54 10.17 7.61
CA VAL A 245 16.10 8.83 7.75
C VAL A 245 15.38 8.06 8.84
N TRP A 246 14.79 8.77 9.81
CA TRP A 246 14.04 8.11 10.89
C TRP A 246 12.60 7.80 10.48
N GLN A 247 11.96 8.72 9.77
CA GLN A 247 10.54 8.62 9.45
C GLN A 247 10.39 8.17 8.01
N ARG A 248 10.03 6.90 7.83
CA ARG A 248 10.10 6.26 6.51
C ARG A 248 8.76 5.74 6.02
N SER A 249 7.66 6.27 6.55
CA SER A 249 6.34 5.95 6.01
C SER A 249 6.22 6.43 4.58
N LEU A 250 5.41 5.73 3.79
CA LEU A 250 5.27 6.01 2.36
C LEU A 250 3.90 6.54 1.96
N TYR A 251 2.92 6.53 2.86
CA TYR A 251 1.57 7.01 2.57
C TYR A 251 1.32 8.23 3.45
N ASN A 252 1.75 9.40 2.99
CA ASN A 252 1.88 10.54 3.87
C ASN A 252 1.02 11.72 3.40
N VAL A 253 0.78 12.62 4.34
CA VAL A 253 0.30 13.97 4.06
C VAL A 253 1.42 14.92 4.44
N ASN A 254 1.90 15.70 3.47
CA ASN A 254 3.01 16.60 3.72
C ASN A 254 2.61 17.69 4.71
N GLY A 255 3.58 18.10 5.52
CA GLY A 255 3.40 19.22 6.42
C GLY A 255 2.97 18.87 7.82
N LEU A 256 2.59 17.62 8.09
CA LEU A 256 2.18 17.24 9.43
C LEU A 256 3.37 17.26 10.37
N LYS A 257 3.20 17.88 11.53
CA LYS A 257 4.24 17.92 12.56
C LYS A 257 4.84 16.54 12.78
N ALA A 258 6.16 16.45 12.76
CA ALA A 258 6.88 15.19 12.80
C ALA A 258 7.78 15.16 14.02
N GLN A 259 7.44 14.31 15.00
CA GLN A 259 8.31 14.13 16.15
C GLN A 259 8.04 12.74 16.71
N PRO A 260 9.06 12.04 17.23
CA PRO A 260 8.84 10.65 17.64
C PRO A 260 7.89 10.50 18.82
N TRP A 261 8.01 11.33 19.84
CA TRP A 261 7.22 11.22 21.06
C TRP A 261 6.32 12.43 21.22
N TRP A 262 5.10 12.19 21.72
CA TRP A 262 4.08 13.22 21.91
C TRP A 262 3.55 13.17 23.34
N THR A 263 3.25 14.35 23.91
CA THR A 263 2.50 14.39 25.15
C THR A 263 1.01 14.46 24.84
N PRO A 264 0.15 14.08 25.79
CA PRO A 264 -1.30 14.26 25.57
C PRO A 264 -1.69 15.68 25.18
N LYS A 265 -1.16 16.69 25.86
CA LYS A 265 -1.50 18.07 25.55
C LYS A 265 -1.07 18.45 24.14
N GLU A 266 0.08 17.93 23.68
CA GLU A 266 0.52 18.20 22.32
C GLU A 266 -0.45 17.63 21.29
N THR A 267 -1.07 16.48 21.59
CA THR A 267 -2.00 15.89 20.64
C THR A 267 -3.34 16.61 20.61
N GLY A 268 -3.71 17.28 21.70
CA GLY A 268 -5.05 17.82 21.85
C GLY A 268 -6.10 16.81 22.23
N TYR A 269 -5.76 15.53 22.27
CA TYR A 269 -6.70 14.46 22.61
C TYR A 269 -6.70 14.18 24.11
N THR A 270 -6.77 15.24 24.91
CA THR A 270 -6.66 15.08 26.35
C THR A 270 -7.87 14.38 26.96
N GLU A 271 -9.05 14.57 26.37
CA GLU A 271 -10.23 13.88 26.90
C GLU A 271 -10.14 12.37 26.67
N LEU A 272 -9.66 11.95 25.50
CA LEU A 272 -9.45 10.52 25.26
C LEU A 272 -8.42 9.94 26.22
N VAL A 273 -7.31 10.67 26.44
CA VAL A 273 -6.26 10.17 27.34
C VAL A 273 -6.80 10.05 28.76
N LYS A 274 -7.53 11.06 29.24
CA LYS A 274 -8.13 10.98 30.57
C LYS A 274 -9.05 9.78 30.68
N SER A 275 -9.86 9.52 29.64
CA SER A 275 -10.79 8.41 29.71
C SER A 275 -10.06 7.08 29.78
N LEU A 276 -9.01 6.93 28.98
CA LEU A 276 -8.22 5.70 29.02
C LEU A 276 -7.57 5.51 30.39
N GLU A 277 -7.03 6.58 30.97
CA GLU A 277 -6.32 6.43 32.23
C GLU A 277 -7.29 6.31 33.41
N ARG A 278 -8.40 7.04 33.39
CA ARG A 278 -9.38 6.91 34.46
C ARG A 278 -10.02 5.53 34.48
N ASN A 279 -10.24 4.93 33.31
CA ASN A 279 -10.97 3.68 33.18
C ASN A 279 -10.06 2.52 32.81
N TRP A 280 -8.76 2.60 33.10
CA TRP A 280 -7.83 1.60 32.57
C TRP A 280 -8.11 0.20 33.10
N LYS A 281 -8.61 0.09 34.33
CA LYS A 281 -8.76 -1.24 34.93
C LYS A 281 -9.84 -2.05 34.21
N LEU A 282 -10.94 -1.42 33.77
CA LEU A 282 -11.94 -2.17 33.04
C LEU A 282 -11.40 -2.65 31.70
N ILE A 283 -10.53 -1.85 31.08
CA ILE A 283 -9.90 -2.26 29.83
C ILE A 283 -8.97 -3.44 30.07
N ARG A 284 -8.14 -3.35 31.11
CA ARG A 284 -7.30 -4.48 31.52
C ARG A 284 -8.14 -5.73 31.75
N ASP A 285 -9.17 -5.60 32.58
CA ASP A 285 -9.94 -6.78 32.99
C ASP A 285 -10.62 -7.47 31.82
N GLU A 286 -11.10 -6.70 30.84
CA GLU A 286 -11.69 -7.35 29.68
C GLU A 286 -10.63 -8.03 28.83
N GLY A 287 -9.44 -7.43 28.74
CA GLY A 287 -8.34 -8.10 28.04
C GLY A 287 -7.91 -9.38 28.72
N LEU A 288 -7.85 -9.37 30.05
CA LEU A 288 -7.47 -10.58 30.77
C LEU A 288 -8.54 -11.65 30.64
N ALA A 289 -9.83 -11.26 30.63
CA ALA A 289 -10.89 -12.23 30.47
C ALA A 289 -10.80 -12.93 29.12
N VAL A 290 -10.46 -12.18 28.07
CA VAL A 290 -10.29 -12.78 26.75
C VAL A 290 -9.07 -13.71 26.75
N MET A 291 -7.97 -13.26 27.36
CA MET A 291 -6.80 -14.13 27.50
C MET A 291 -7.17 -15.45 28.15
N ASP A 292 -8.03 -15.42 29.17
CA ASP A 292 -8.32 -16.61 29.95
C ASP A 292 -9.41 -17.48 29.30
N LYS A 293 -10.42 -16.85 28.70
CA LYS A 293 -11.61 -17.55 28.27
C LYS A 293 -11.84 -17.53 26.76
N ALA A 294 -11.13 -16.70 26.01
CA ALA A 294 -11.33 -16.64 24.57
C ALA A 294 -10.00 -16.31 23.89
N LYS A 295 -8.96 -17.08 24.21
CA LYS A 295 -7.61 -16.69 23.80
C LYS A 295 -7.43 -16.74 22.29
N GLY A 296 -8.25 -17.51 21.58
CA GLY A 296 -8.21 -17.54 20.13
C GLY A 296 -8.54 -16.22 19.46
N LEU A 297 -9.11 -15.26 20.20
CA LEU A 297 -9.33 -13.93 19.65
C LEU A 297 -8.03 -13.15 19.49
N PHE A 298 -6.98 -13.53 20.24
CA PHE A 298 -5.65 -12.99 20.03
C PHE A 298 -5.00 -13.69 18.85
N LEU A 299 -4.71 -12.95 17.79
CA LEU A 299 -4.11 -13.53 16.60
C LEU A 299 -2.64 -13.16 16.49
N PRO A 300 -1.78 -14.12 16.16
CA PRO A 300 -0.34 -13.84 16.09
C PRO A 300 -0.05 -12.74 15.06
N GLU A 301 0.92 -11.89 15.39
CA GLU A 301 1.39 -10.89 14.44
C GLU A 301 1.86 -11.57 13.17
N ASP A 302 1.45 -11.02 12.01
CA ASP A 302 1.65 -11.74 10.74
C ASP A 302 2.27 -10.84 9.66
N GLU A 303 3.14 -9.91 10.05
CA GLU A 303 3.83 -9.03 9.12
C GLU A 303 5.34 -9.25 9.12
N ASN A 304 5.79 -10.41 9.63
CA ASN A 304 7.21 -10.77 9.67
C ASN A 304 8.05 -9.73 10.44
N LEU A 305 7.49 -9.19 11.52
CA LEU A 305 8.16 -8.13 12.26
C LEU A 305 8.93 -8.64 13.47
N ARG A 306 8.87 -9.93 13.78
CA ARG A 306 9.56 -10.49 14.93
C ARG A 306 10.85 -11.16 14.51
N GLU A 307 11.93 -10.87 15.23
CA GLU A 307 13.11 -11.74 15.16
C GLU A 307 12.82 -13.08 15.83
N LYS A 308 12.09 -13.05 16.95
CA LYS A 308 11.85 -14.22 17.77
C LYS A 308 10.77 -13.86 18.77
N GLY A 309 10.16 -14.88 19.36
CA GLY A 309 9.22 -14.66 20.46
C GLY A 309 7.77 -14.71 20.01
N ASP A 310 6.90 -14.33 20.95
CA ASP A 310 5.46 -14.47 20.79
C ASP A 310 4.78 -13.13 21.02
N TRP A 311 3.98 -12.71 20.05
CA TRP A 311 3.33 -11.41 20.02
C TRP A 311 2.02 -11.60 19.27
N SER A 312 0.90 -11.27 19.93
N SER A 312 0.89 -11.31 19.92
CA SER A 312 -0.42 -11.48 19.35
CA SER A 312 -0.40 -11.47 19.29
C SER A 312 -1.28 -10.26 19.66
C SER A 312 -1.28 -10.29 19.66
N GLN A 313 -2.32 -10.07 18.86
CA GLN A 313 -3.16 -8.89 18.96
C GLN A 313 -4.62 -9.25 18.82
N PHE A 314 -5.45 -8.54 19.59
CA PHE A 314 -6.90 -8.73 19.64
C PHE A 314 -7.50 -7.39 19.22
N THR A 315 -7.99 -7.31 17.99
CA THR A 315 -8.30 -6.05 17.33
C THR A 315 -9.78 -5.73 17.44
N LEU A 316 -10.10 -4.55 17.99
CA LEU A 316 -11.47 -4.08 18.15
C LEU A 316 -11.95 -3.20 16.98
N TRP A 317 -11.06 -2.36 16.44
CA TRP A 317 -11.32 -1.53 15.27
C TRP A 317 -10.15 -1.64 14.31
N GLN A 318 -10.45 -1.67 13.02
CA GLN A 318 -9.42 -1.54 12.00
C GLN A 318 -10.03 -0.80 10.83
N GLN A 319 -9.24 0.06 10.20
CA GLN A 319 -9.67 0.89 9.07
C GLN A 319 -10.96 1.64 9.41
N GLY A 320 -11.11 2.05 10.67
CA GLY A 320 -12.28 2.78 11.08
C GLY A 320 -13.56 1.97 11.14
N ARG A 321 -13.46 0.64 11.14
CA ARG A 321 -14.63 -0.24 11.19
C ARG A 321 -14.59 -1.05 12.47
N ARG A 322 -15.69 -1.01 13.22
CA ARG A 322 -15.81 -1.79 14.44
C ARG A 322 -15.93 -3.27 14.10
N ASN A 323 -15.16 -4.10 14.80
CA ASN A 323 -15.28 -5.55 14.66
C ASN A 323 -16.32 -6.00 15.69
N GLU A 324 -17.53 -6.31 15.22
CA GLU A 324 -18.64 -6.55 16.13
C GLU A 324 -18.41 -7.80 16.98
N ASN A 325 -17.89 -8.87 16.38
CA ASN A 325 -17.62 -10.08 17.15
C ASN A 325 -16.54 -9.83 18.20
N ALA A 326 -15.52 -9.04 17.84
CA ALA A 326 -14.47 -8.73 18.81
C ALA A 326 -15.02 -7.90 19.96
N CYS A 327 -15.91 -6.95 19.66
CA CYS A 327 -16.46 -6.11 20.71
C CYS A 327 -17.42 -6.87 21.62
N LYS A 328 -17.93 -8.03 21.20
CA LYS A 328 -18.65 -8.89 22.13
C LYS A 328 -17.75 -9.36 23.25
N GLY A 329 -16.45 -9.46 23.00
CA GLY A 329 -15.49 -9.91 24.00
C GLY A 329 -14.91 -8.82 24.88
N ALA A 330 -15.08 -7.56 24.47
CA ALA A 330 -14.68 -6.41 25.28
C ALA A 330 -15.76 -5.34 25.18
N PRO A 331 -16.98 -5.64 25.64
CA PRO A 331 -18.11 -4.74 25.36
C PRO A 331 -18.01 -3.41 26.07
N LYS A 332 -17.50 -3.38 27.31
CA LYS A 332 -17.38 -2.11 28.02
C LYS A 332 -16.28 -1.24 27.40
N THR A 333 -15.18 -1.87 27.00
CA THR A 333 -14.11 -1.12 26.35
C THR A 333 -14.60 -0.53 25.02
N CYS A 334 -15.33 -1.31 24.23
CA CYS A 334 -15.86 -0.78 22.97
C CYS A 334 -16.88 0.32 23.24
N THR A 335 -17.72 0.15 24.26
CA THR A 335 -18.68 1.21 24.60
C THR A 335 -17.95 2.49 25.00
N LEU A 336 -16.88 2.37 25.79
CA LEU A 336 -16.12 3.54 26.20
C LEU A 336 -15.51 4.25 25.00
N LEU A 337 -14.92 3.48 24.08
CA LEU A 337 -14.17 4.06 22.98
C LEU A 337 -15.08 4.68 21.92
N GLU A 338 -16.35 4.28 21.87
N GLU A 338 -16.34 4.24 21.87
CA GLU A 338 -17.26 4.82 20.86
CA GLU A 338 -17.32 4.80 20.93
C GLU A 338 -17.49 6.32 21.03
C GLU A 338 -17.38 6.32 21.00
N LYS A 339 -17.13 6.89 22.18
CA LYS A 339 -17.28 8.33 22.37
C LYS A 339 -16.20 9.15 21.67
N PHE A 340 -15.18 8.50 21.10
CA PHE A 340 -14.00 9.20 20.60
C PHE A 340 -13.80 8.89 19.12
N PRO A 341 -14.46 9.64 18.22
CA PRO A 341 -14.29 9.40 16.78
C PRO A 341 -12.88 9.64 16.31
N GLU A 342 -12.08 10.42 17.05
CA GLU A 342 -10.69 10.63 16.64
C GLU A 342 -9.91 9.32 16.55
N THR A 343 -10.34 8.29 17.30
CA THR A 343 -9.73 6.97 17.14
C THR A 343 -10.63 5.99 16.39
N THR A 344 -11.92 5.89 16.75
CA THR A 344 -12.78 4.91 16.09
C THR A 344 -12.95 5.21 14.61
N GLY A 345 -12.86 6.48 14.23
CA GLY A 345 -12.95 6.86 12.83
C GLY A 345 -11.62 7.00 12.12
N CYS A 346 -10.52 6.59 12.77
CA CYS A 346 -9.21 6.64 12.13
C CYS A 346 -9.12 5.47 11.17
N ARG A 347 -9.34 5.73 9.88
CA ARG A 347 -9.32 4.68 8.87
C ARG A 347 -7.91 4.30 8.47
N ARG A 348 -6.89 4.91 9.06
CA ARG A 348 -5.49 4.51 8.87
C ARG A 348 -4.88 4.03 10.17
N GLY A 349 -5.68 3.40 11.02
CA GLY A 349 -5.21 2.96 12.32
C GLY A 349 -6.07 1.84 12.84
N GLN A 350 -5.69 1.35 14.01
N GLN A 350 -5.71 1.36 14.03
CA GLN A 350 -6.41 0.27 14.67
CA GLN A 350 -6.43 0.27 14.66
C GLN A 350 -6.61 0.61 16.15
C GLN A 350 -6.53 0.52 16.16
N ILE A 351 -7.51 -0.14 16.78
CA ILE A 351 -7.65 -0.19 18.24
C ILE A 351 -7.54 -1.65 18.61
N LYS A 352 -6.55 -2.00 19.44
CA LYS A 352 -6.29 -3.42 19.65
C LYS A 352 -5.54 -3.63 20.96
N TYR A 353 -5.83 -4.77 21.60
CA TYR A 353 -4.96 -5.28 22.65
C TYR A 353 -3.74 -5.91 22.02
N SER A 354 -2.60 -5.82 22.71
CA SER A 354 -1.34 -6.36 22.19
C SER A 354 -0.62 -7.06 23.32
N ILE A 355 -0.49 -8.38 23.24
CA ILE A 355 0.22 -9.14 24.26
C ILE A 355 1.57 -9.59 23.69
N MET A 356 2.60 -9.48 24.53
CA MET A 356 3.94 -9.89 24.15
C MET A 356 4.56 -10.66 25.30
N HIS A 357 5.25 -11.73 24.99
CA HIS A 357 5.78 -12.65 25.98
C HIS A 357 7.31 -12.58 26.03
N PRO A 358 7.92 -13.09 27.10
CA PRO A 358 9.38 -13.02 27.21
C PRO A 358 10.08 -13.72 26.06
N GLY A 359 11.29 -13.26 25.75
CA GLY A 359 12.02 -13.79 24.62
C GLY A 359 11.61 -13.21 23.29
N THR A 360 10.96 -12.05 23.28
CA THR A 360 10.47 -11.45 22.04
C THR A 360 11.32 -10.23 21.70
N HIS A 361 11.71 -10.14 20.43
CA HIS A 361 12.35 -8.94 19.89
C HIS A 361 11.64 -8.58 18.59
N VAL A 362 11.06 -7.39 18.54
CA VAL A 362 10.43 -6.86 17.33
C VAL A 362 11.49 -6.08 16.56
N TRP A 363 11.70 -6.46 15.29
CA TRP A 363 12.66 -5.78 14.45
C TRP A 363 12.38 -4.27 14.42
N PRO A 364 13.41 -3.44 14.29
CA PRO A 364 13.17 -2.03 13.96
C PRO A 364 12.29 -1.94 12.72
N HIS A 365 11.24 -1.14 12.80
CA HIS A 365 10.35 -1.01 11.65
C HIS A 365 9.61 0.31 11.74
N THR A 366 8.91 0.62 10.66
CA THR A 366 8.14 1.84 10.51
C THR A 366 6.73 1.45 10.06
N GLY A 367 5.72 2.22 10.49
CA GLY A 367 4.37 2.06 10.00
C GLY A 367 4.21 2.64 8.62
N PRO A 368 3.05 2.37 8.00
CA PRO A 368 2.87 2.77 6.59
C PRO A 368 2.56 4.24 6.37
N THR A 369 2.13 5.00 7.39
CA THR A 369 1.59 6.33 7.15
C THR A 369 1.97 7.27 8.28
N ASN A 370 2.16 8.55 7.92
CA ASN A 370 2.38 9.60 8.92
C ASN A 370 1.06 10.22 9.39
N CYS A 371 -0.08 9.69 8.96
CA CYS A 371 -1.38 10.28 9.24
C CYS A 371 -1.98 9.83 10.56
N ARG A 372 -1.28 8.99 11.32
CA ARG A 372 -1.78 8.55 12.61
C ARG A 372 -0.72 8.74 13.68
N LEU A 373 -1.18 8.90 14.92
CA LEU A 373 -0.37 8.76 16.10
C LEU A 373 -0.88 7.55 16.88
N GLN A 374 -0.02 6.98 17.70
CA GLN A 374 -0.32 5.74 18.38
C GLN A 374 -0.22 5.92 19.89
N MET A 375 -1.32 5.63 20.59
CA MET A 375 -1.34 5.63 22.04
C MET A 375 -1.19 4.20 22.54
N HIS A 376 -0.37 4.04 23.58
CA HIS A 376 -0.21 2.76 24.28
C HIS A 376 -0.66 2.98 25.71
N LEU A 377 -1.67 2.23 26.15
CA LEU A 377 -2.09 2.24 27.55
C LEU A 377 -1.55 0.98 28.21
N GLY A 378 -0.77 1.14 29.27
CA GLY A 378 -0.22 -0.01 29.96
C GLY A 378 -1.29 -0.72 30.76
N LEU A 379 -1.36 -2.05 30.66
CA LEU A 379 -2.38 -2.83 31.36
C LEU A 379 -1.76 -3.82 32.34
N VAL A 380 -0.87 -4.69 31.86
CA VAL A 380 -0.06 -5.56 32.71
C VAL A 380 1.37 -5.40 32.25
N ILE A 381 2.18 -4.70 33.05
CA ILE A 381 3.56 -4.41 32.69
C ILE A 381 4.48 -5.01 33.74
N PRO A 382 5.23 -6.05 33.42
CA PRO A 382 6.23 -6.56 34.36
C PRO A 382 7.20 -5.47 34.79
N LYS A 383 7.72 -5.59 36.01
CA LYS A 383 8.53 -4.53 36.58
C LYS A 383 9.83 -4.32 35.82
N GLU A 384 10.34 -5.36 35.16
CA GLU A 384 11.58 -5.28 34.40
C GLU A 384 11.42 -5.99 33.06
N GLY A 385 12.23 -5.56 32.09
CA GLY A 385 12.44 -6.32 30.88
C GLY A 385 11.70 -5.85 29.65
N CYS A 386 10.72 -4.96 29.76
CA CYS A 386 9.96 -4.51 28.61
C CYS A 386 10.31 -3.07 28.27
N LYS A 387 10.63 -2.81 27.00
CA LYS A 387 10.93 -1.43 26.63
C LYS A 387 10.67 -1.25 25.15
N ILE A 388 10.45 0.01 24.76
CA ILE A 388 10.19 0.39 23.38
C ILE A 388 11.09 1.57 23.03
N ARG A 389 11.78 1.46 21.91
CA ARG A 389 12.57 2.56 21.36
C ARG A 389 11.82 3.18 20.19
N CYS A 390 11.73 4.49 20.16
CA CYS A 390 11.28 5.21 18.98
C CYS A 390 12.34 6.23 18.62
N ALA A 391 12.83 6.16 17.38
CA ALA A 391 14.01 6.92 16.95
C ALA A 391 15.15 6.68 17.92
N ASN A 392 15.69 7.74 18.53
CA ASN A 392 16.86 7.63 19.39
C ASN A 392 16.50 7.58 20.88
N GLU A 393 15.23 7.33 21.22
CA GLU A 393 14.78 7.41 22.61
C GLU A 393 14.02 6.16 23.00
N THR A 394 14.45 5.54 24.10
CA THR A 394 13.82 4.32 24.61
C THR A 394 13.04 4.63 25.88
N LYS A 395 11.83 4.07 25.97
CA LYS A 395 10.94 4.29 27.10
C LYS A 395 10.34 2.95 27.53
N THR A 396 9.62 2.96 28.64
CA THR A 396 8.87 1.79 29.05
C THR A 396 7.44 2.20 29.38
N TRP A 397 6.58 1.19 29.51
CA TRP A 397 5.18 1.41 29.83
C TRP A 397 4.97 1.43 31.34
N GLU A 398 3.85 2.01 31.75
CA GLU A 398 3.38 1.98 33.13
C GLU A 398 1.93 1.58 33.14
N GLU A 399 1.55 0.74 34.11
CA GLU A 399 0.16 0.32 34.20
C GLU A 399 -0.73 1.53 34.47
N GLY A 400 -1.77 1.68 33.65
CA GLY A 400 -2.72 2.77 33.78
C GLY A 400 -2.29 4.10 33.20
N LYS A 401 -1.17 4.14 32.47
CA LYS A 401 -0.63 5.38 31.90
C LYS A 401 -0.48 5.22 30.40
N VAL A 402 -0.69 6.33 29.68
CA VAL A 402 -0.64 6.34 28.22
C VAL A 402 0.69 6.90 27.75
N LEU A 403 1.35 6.18 26.83
CA LEU A 403 2.45 6.67 26.03
C LEU A 403 1.95 7.00 24.63
N ILE A 404 2.52 8.02 24.01
CA ILE A 404 2.11 8.44 22.66
C ILE A 404 3.35 8.62 21.81
N PHE A 405 3.39 7.94 20.66
CA PHE A 405 4.48 8.13 19.72
C PHE A 405 3.93 8.05 18.30
N ASP A 406 4.75 8.55 17.36
CA ASP A 406 4.44 8.50 15.93
C ASP A 406 5.15 7.29 15.37
N ASP A 407 4.39 6.21 15.10
CA ASP A 407 5.01 4.98 14.64
C ASP A 407 5.44 5.04 13.16
N SER A 408 5.28 6.19 12.50
CA SER A 408 5.95 6.38 11.22
C SER A 408 7.45 6.60 11.40
N PHE A 409 7.90 6.83 12.63
CA PHE A 409 9.31 6.82 12.97
C PHE A 409 9.73 5.41 13.33
N GLU A 410 10.96 5.05 12.99
CA GLU A 410 11.48 3.72 13.29
C GLU A 410 11.35 3.42 14.78
N HIS A 411 10.79 2.27 15.09
CA HIS A 411 10.64 1.86 16.48
C HIS A 411 10.91 0.37 16.60
N GLU A 412 11.17 -0.05 17.83
CA GLU A 412 11.71 -1.37 18.13
C GLU A 412 11.30 -1.73 19.54
N VAL A 413 11.00 -3.01 19.79
CA VAL A 413 10.49 -3.44 21.08
C VAL A 413 11.20 -4.70 21.54
N TRP A 414 11.49 -4.78 22.85
CA TRP A 414 12.04 -5.96 23.48
C TRP A 414 11.13 -6.39 24.62
N GLN A 415 11.03 -7.70 24.83
CA GLN A 415 10.32 -8.27 25.97
C GLN A 415 11.22 -9.35 26.57
N ASP A 416 11.88 -9.01 27.68
CA ASP A 416 12.78 -9.92 28.37
C ASP A 416 12.37 -10.08 29.84
N ALA A 417 11.09 -10.00 30.12
CA ALA A 417 10.57 -10.13 31.48
C ALA A 417 10.46 -11.61 31.85
N SER A 418 9.76 -11.91 32.93
CA SER A 418 9.52 -13.29 33.35
C SER A 418 8.04 -13.63 33.33
N SER A 419 7.23 -12.81 32.65
CA SER A 419 5.80 -13.04 32.52
C SER A 419 5.30 -12.14 31.40
N PHE A 420 4.02 -12.25 31.08
CA PHE A 420 3.48 -11.58 29.91
C PHE A 420 3.33 -10.08 30.15
N ARG A 421 3.30 -9.33 29.05
CA ARG A 421 3.11 -7.89 29.03
C ARG A 421 1.94 -7.57 28.12
N LEU A 422 0.91 -6.93 28.68
CA LEU A 422 -0.30 -6.60 27.95
C LEU A 422 -0.48 -5.09 27.89
N ILE A 423 -0.68 -4.56 26.67
CA ILE A 423 -0.97 -3.14 26.49
C ILE A 423 -2.21 -3.00 25.62
N PHE A 424 -2.77 -1.79 25.63
CA PHE A 424 -3.91 -1.43 24.80
C PHE A 424 -3.46 -0.34 23.84
N ILE A 425 -3.64 -0.57 22.54
CA ILE A 425 -3.12 0.32 21.49
C ILE A 425 -4.29 1.06 20.86
N VAL A 426 -4.21 2.39 20.85
CA VAL A 426 -5.27 3.25 20.34
C VAL A 426 -4.64 4.20 19.32
N ASP A 427 -4.89 3.97 18.04
CA ASP A 427 -4.45 4.89 16.99
C ASP A 427 -5.43 6.04 16.84
N VAL A 428 -4.90 7.24 16.63
CA VAL A 428 -5.73 8.42 16.40
C VAL A 428 -5.23 9.12 15.14
N TRP A 429 -6.15 9.84 14.48
CA TRP A 429 -5.75 10.73 13.39
C TRP A 429 -4.68 11.68 13.88
N HIS A 430 -3.68 11.94 13.02
CA HIS A 430 -2.76 13.02 13.32
C HIS A 430 -3.56 14.29 13.61
N PRO A 431 -3.29 15.00 14.71
CA PRO A 431 -4.20 16.08 15.11
C PRO A 431 -4.24 17.26 14.15
N GLU A 432 -3.26 17.40 13.26
CA GLU A 432 -3.26 18.52 12.32
C GLU A 432 -4.00 18.21 11.02
N LEU A 433 -4.51 16.99 10.87
CA LEU A 433 -5.33 16.67 9.71
C LEU A 433 -6.71 17.31 9.85
N THR A 434 -7.14 18.00 8.80
CA THR A 434 -8.44 18.65 8.80
C THR A 434 -9.56 17.62 8.68
N PRO A 435 -10.78 17.98 9.06
CA PRO A 435 -11.91 17.05 8.87
C PRO A 435 -12.08 16.60 7.42
N GLN A 436 -11.80 17.48 6.45
CA GLN A 436 -11.91 17.07 5.06
C GLN A 436 -10.95 15.91 4.74
N GLN A 437 -9.71 16.00 5.24
CA GLN A 437 -8.75 14.93 4.99
C GLN A 437 -9.15 13.64 5.70
N ARG A 438 -9.72 13.75 6.90
CA ARG A 438 -10.10 12.55 7.64
C ARG A 438 -11.24 11.79 6.95
N ARG A 439 -12.03 12.47 6.12
CA ARG A 439 -13.12 11.81 5.42
C ARG A 439 -12.67 11.21 4.09
N SER A 440 -11.63 11.77 3.48
CA SER A 440 -11.28 11.44 2.10
C SER A 440 -10.05 10.55 1.96
N LEU A 441 -9.14 10.52 2.94
CA LEU A 441 -7.93 9.74 2.79
C LEU A 441 -8.27 8.26 2.60
N PRO A 442 -7.64 7.57 1.65
CA PRO A 442 -7.87 6.12 1.53
C PRO A 442 -7.52 5.39 2.81
N ALA A 443 -8.33 4.40 3.15
CA ALA A 443 -8.08 3.59 4.33
C ALA A 443 -6.78 2.81 4.19
N ILE A 444 -6.11 2.61 5.31
CA ILE A 444 -4.91 1.78 5.35
C ILE A 444 -5.00 0.81 6.53
N GLY B 14 -3.12 -8.91 1.81
CA GLY B 14 -3.03 -8.56 3.22
C GLY B 14 -3.11 -7.07 3.45
N LYS B 15 -3.06 -6.66 4.72
CA LYS B 15 -3.14 -5.26 5.10
C LYS B 15 -1.84 -4.82 5.74
N CYS B 16 -1.49 -3.54 5.53
CA CYS B 16 -0.35 -2.91 6.19
C CYS B 16 -0.85 -2.37 7.52
N LYS B 17 -0.65 -3.12 8.60
CA LYS B 17 -1.12 -2.68 9.91
C LYS B 17 0.03 -2.02 10.66
N ASP B 18 0.97 -2.82 11.17
CA ASP B 18 2.17 -2.28 11.80
C ASP B 18 3.28 -1.95 10.83
N GLY B 19 3.33 -2.62 9.68
CA GLY B 19 4.45 -2.46 8.79
C GLY B 19 4.09 -2.01 7.38
N LEU B 20 5.04 -2.16 6.47
CA LEU B 20 4.91 -1.75 5.07
C LEU B 20 5.25 -2.91 4.15
N GLY B 21 4.77 -4.11 4.49
CA GLY B 21 5.21 -5.33 3.84
C GLY B 21 4.49 -5.69 2.55
N GLU B 22 3.33 -5.10 2.30
CA GLU B 22 2.59 -5.36 1.08
C GLU B 22 3.08 -4.46 -0.05
N TYR B 23 2.91 -4.94 -1.28
CA TYR B 23 3.31 -4.13 -2.44
C TYR B 23 2.55 -2.81 -2.48
N THR B 24 1.25 -2.84 -2.18
CA THR B 24 0.45 -1.63 -2.00
C THR B 24 -0.38 -1.79 -0.74
N CYS B 25 -0.59 -0.69 -0.03
CA CYS B 25 -1.32 -0.72 1.24
C CYS B 25 -2.74 -0.18 1.13
N THR B 26 -3.09 0.46 0.02
CA THR B 26 -4.44 0.94 -0.22
C THR B 26 -5.09 0.13 -1.34
N SER B 27 -6.41 0.21 -1.43
CA SER B 27 -7.16 -0.48 -2.46
C SER B 27 -7.66 0.51 -3.50
N LEU B 28 -7.58 0.11 -4.77
CA LEU B 28 -7.96 0.99 -5.88
C LEU B 28 -9.47 0.89 -6.11
N GLU B 29 -10.14 2.04 -6.12
CA GLU B 29 -11.58 2.10 -6.36
C GLU B 29 -11.92 3.14 -7.42
N GLY B 30 -11.04 3.33 -8.41
CA GLY B 30 -11.31 4.30 -9.45
C GLY B 30 -11.33 5.72 -8.93
N PHE B 31 -12.20 6.53 -9.53
CA PHE B 31 -12.33 7.92 -9.14
C PHE B 31 -13.03 8.04 -7.79
C01 Q1Z C . 4.59 -1.95 17.82
C02 Q1Z C . 4.76 -2.75 19.12
C03 Q1Z C . 3.44 -3.36 19.59
C04 Q1Z C . 5.74 -3.88 18.83
C05 Q1Z C . 3.66 -0.75 17.77
C06 Q1Z C . 3.55 -3.79 21.05
O01 Q1Z C . 5.20 -2.26 16.85
O02 Q1Z C . 3.56 -0.04 16.72
O03 Q1Z C . 2.99 -0.49 18.80
O04 Q1Z C . 2.67 -4.54 21.54
O05 Q1Z C . 4.52 -3.41 21.76
C1 PEG D . 18.52 -3.34 23.96
O1 PEG D . 18.31 -4.15 25.11
C2 PEG D . 19.02 -1.97 24.33
O2 PEG D . 18.40 -0.99 23.52
C3 PEG D . 17.58 -0.09 24.27
C4 PEG D . 18.43 0.72 25.19
O4 PEG D . 17.91 0.73 26.51
C2 PEG E . 7.09 -10.71 -30.57
O2 PEG E . 7.28 -10.26 -29.24
C3 PEG E . 8.01 -9.05 -29.15
C4 PEG E . 7.12 -7.90 -29.50
O4 PEG E . 7.71 -6.66 -29.13
C2 PEG F . 13.63 13.78 13.82
O2 PEG F . 13.80 13.47 15.18
C3 PEG F . 14.68 12.37 15.40
C4 PEG F . 15.75 12.76 16.37
O4 PEG F . 17.04 12.46 15.88
O2 PEG G . 7.79 -16.86 15.99
C3 PEG G . 8.54 -15.65 15.95
C4 PEG G . 9.74 -15.82 15.04
O4 PEG G . 9.40 -15.58 13.69
C1 PEG H . -0.86 -9.58 36.77
O1 PEG H . -0.17 -10.82 36.75
C2 PEG H . -2.27 -9.73 36.27
O2 PEG H . -3.19 -9.35 37.29
C3 PEG H . -3.67 -8.02 37.13
C4 PEG H . -3.68 -7.33 38.46
O4 PEG H . -4.85 -7.64 39.21
MN MN I . 4.91 -0.92 15.14
CL CL J . -14.54 -0.45 -42.20
#